data_7OQR
#
_entry.id   7OQR
#
_cell.length_a   71.594
_cell.length_b   71.594
_cell.length_c   254.581
_cell.angle_alpha   90.000
_cell.angle_beta   90.000
_cell.angle_gamma   120.000
#
_symmetry.space_group_name_H-M   'P 31 2 1'
#
loop_
_entity.id
_entity.type
_entity.pdbx_description
1 polymer 'Ascorbate peroxidase'
2 non-polymer 'PROTOPORPHYRIN IX CONTAINING FE'
3 non-polymer 'SULFATE ION'
4 non-polymer GLYCEROL
5 non-polymer 'SODIUM ION'
6 non-polymer 'OXYGEN MOLECULE'
7 non-polymer 'ACETATE ION'
8 water water
#
_entity_poly.entity_id   1
_entity_poly.type   'polypeptide(L)'
_entity_poly.pdbx_seq_one_letter_code
;MAFCFGSFFSKYASSKSGSQARYRFLHSSAKIAAGATGALLLGGATVALCYFPSGRKVTEAPPFDVNSLRRDIEEILSED
MSKGPLFVRLAWHEAGSWDCRKKDGSPNSASMRFHPECSYAGNKGLDKGRNALESLKKKYPKISYADLWSFAAVVSIEAM
GGPEIPWRWGRVDAKDGSVCGPDGRLPDASRMQDHVRDVFSRLGFNDEETVALIGAHTCGECHLENTGYVGPFTHDKYGF
DNSFFTELFGNEWMLNPNVKKMQFMDKTTNRLMMLPADVSILLDDKYRSIAKKYADDNDYFCNAFSKAYQKLLEVGTTDL
KSLPAESK
;
_entity_poly.pdbx_strand_id   A,B
#
loop_
_chem_comp.id
_chem_comp.type
_chem_comp.name
_chem_comp.formula
ACT non-polymer 'ACETATE ION' 'C2 H3 O2 -1'
GOL non-polymer GLYCEROL 'C3 H8 O3'
HEM non-polymer 'PROTOPORPHYRIN IX CONTAINING FE' 'C34 H32 Fe N4 O4'
NA non-polymer 'SODIUM ION' 'Na 1'
OXY non-polymer 'OXYGEN MOLECULE' O2
SO4 non-polymer 'SULFATE ION' 'O4 S -2'
#
# COMPACT_ATOMS: atom_id res chain seq x y z
N GLY A 55 -34.53 21.83 -13.00
CA GLY A 55 -33.23 22.54 -12.76
C GLY A 55 -33.47 24.00 -12.41
N ARG A 56 -32.91 24.92 -13.21
CA ARG A 56 -33.18 26.39 -13.23
C ARG A 56 -32.62 27.02 -11.96
N LYS A 57 -31.83 28.07 -12.12
CA LYS A 57 -31.15 28.77 -11.01
C LYS A 57 -32.21 29.40 -10.12
N VAL A 58 -32.06 29.21 -8.81
CA VAL A 58 -32.75 29.95 -7.73
C VAL A 58 -31.78 30.84 -6.98
N THR A 59 -32.08 32.12 -6.87
CA THR A 59 -31.31 33.10 -6.09
C THR A 59 -32.18 33.53 -4.91
N GLU A 60 -31.60 33.55 -3.73
CA GLU A 60 -32.28 33.97 -2.48
C GLU A 60 -31.23 34.24 -1.42
N ALA A 61 -31.44 35.31 -0.65
CA ALA A 61 -30.67 35.65 0.56
C ALA A 61 -30.91 34.53 1.56
N PRO A 62 -29.85 34.03 2.19
CA PRO A 62 -29.98 32.98 3.20
C PRO A 62 -30.61 33.53 4.48
N PRO A 63 -31.11 32.68 5.41
CA PRO A 63 -31.68 33.13 6.67
C PRO A 63 -30.69 33.71 7.70
N PHE A 64 -29.38 33.61 7.42
CA PHE A 64 -28.24 34.12 8.24
C PHE A 64 -27.51 35.21 7.49
N ASP A 65 -26.71 36.00 8.20
CA ASP A 65 -25.97 37.14 7.61
C ASP A 65 -24.64 36.64 7.02
N VAL A 66 -24.61 36.31 5.72
CA VAL A 66 -23.44 35.60 5.10
C VAL A 66 -22.19 36.50 5.17
N ASN A 67 -22.32 37.80 4.96
CA ASN A 67 -21.14 38.71 4.95
C ASN A 67 -20.53 38.76 6.36
N SER A 68 -21.33 38.71 7.42
CA SER A 68 -20.87 38.71 8.84
C SER A 68 -20.25 37.36 9.19
N LEU A 69 -20.93 36.31 8.78
CA LEU A 69 -20.41 34.92 8.93
C LEU A 69 -19.03 34.79 8.29
N ARG A 70 -18.84 35.18 7.01
CA ARG A 70 -17.51 35.16 6.30
C ARG A 70 -16.46 35.91 7.13
N ARG A 71 -16.78 37.09 7.66
CA ARG A 71 -15.83 37.87 8.44
C ARG A 71 -15.48 37.13 9.73
N ASP A 72 -16.44 36.48 10.39
CA ASP A 72 -16.16 35.74 11.65
C ASP A 72 -15.25 34.57 11.32
N ILE A 73 -15.47 33.89 10.20
CA ILE A 73 -14.59 32.74 9.82
C ILE A 73 -13.17 33.26 9.60
N GLU A 74 -13.00 34.37 8.85
CA GLU A 74 -11.69 34.95 8.53
C GLU A 74 -10.95 35.31 9.82
N GLU A 75 -11.70 35.67 10.84
CA GLU A 75 -11.07 36.15 12.09
C GLU A 75 -10.54 34.93 12.82
N ILE A 76 -11.33 33.86 12.86
CA ILE A 76 -10.90 32.55 13.43
C ILE A 76 -9.57 32.16 12.79
N LEU A 77 -9.49 32.20 11.45
CA LEU A 77 -8.27 31.84 10.68
C LEU A 77 -7.08 32.76 11.06
N SER A 78 -7.34 34.07 11.19
CA SER A 78 -6.25 35.02 11.54
C SER A 78 -5.72 34.71 12.95
N GLU A 79 -6.54 34.20 13.88
CA GLU A 79 -6.06 33.79 15.23
C GLU A 79 -5.40 32.41 15.18
N ASP A 80 -5.78 31.57 14.23
CA ASP A 80 -5.27 30.18 14.18
C ASP A 80 -5.39 29.63 12.73
N MET A 81 -4.34 29.87 11.94
CA MET A 81 -4.28 29.56 10.51
C MET A 81 -4.39 28.05 10.29
N SER A 82 -4.06 27.23 11.31
CA SER A 82 -4.12 25.74 11.19
C SER A 82 -5.55 25.28 10.97
N LYS A 83 -6.53 26.09 11.36
CA LYS A 83 -7.96 25.73 11.18
C LYS A 83 -8.37 25.86 9.71
N GLY A 84 -7.63 26.58 8.84
CA GLY A 84 -8.05 26.73 7.44
C GLY A 84 -7.97 25.42 6.67
N PRO A 85 -6.79 24.77 6.66
CA PRO A 85 -6.71 23.46 6.02
C PRO A 85 -7.61 22.43 6.72
N LEU A 86 -7.75 22.55 8.02
CA LEU A 86 -8.62 21.61 8.78
C LEU A 86 -10.06 21.70 8.26
N PHE A 87 -10.54 22.92 8.03
CA PHE A 87 -11.93 23.09 7.54
C PHE A 87 -12.06 22.55 6.12
N VAL A 88 -11.01 22.69 5.32
CA VAL A 88 -11.05 22.17 3.93
C VAL A 88 -11.18 20.64 3.98
N ARG A 89 -10.44 20.00 4.89
CA ARG A 89 -10.49 18.54 5.03
C ARG A 89 -11.87 18.14 5.57
N LEU A 90 -12.37 18.89 6.54
CA LEU A 90 -13.69 18.56 7.12
C LEU A 90 -14.78 18.50 6.04
N ALA A 91 -14.90 19.53 5.22
CA ALA A 91 -15.95 19.58 4.21
C ALA A 91 -15.71 18.50 3.16
N TRP A 92 -14.45 18.27 2.83
CA TRP A 92 -14.13 17.21 1.84
C TRP A 92 -14.57 15.84 2.43
N HIS A 93 -14.28 15.53 3.70
CA HIS A 93 -14.70 14.21 4.24
C HIS A 93 -16.21 14.13 4.37
N GLU A 94 -16.86 15.28 4.56
CA GLU A 94 -18.34 15.24 4.70
C GLU A 94 -18.94 14.93 3.31
N ALA A 95 -18.32 15.37 2.21
CA ALA A 95 -18.74 15.05 0.83
C ALA A 95 -18.17 13.69 0.34
N GLY A 96 -17.03 13.24 0.87
CA GLY A 96 -16.27 12.05 0.40
C GLY A 96 -16.94 10.71 0.64
N SER A 97 -18.03 10.66 1.41
CA SER A 97 -18.83 9.43 1.66
C SER A 97 -19.70 9.08 0.46
N TRP A 98 -19.82 9.94 -0.55
CA TRP A 98 -20.76 9.76 -1.69
C TRP A 98 -20.37 8.53 -2.52
N ASP A 99 -21.39 7.81 -3.00
CA ASP A 99 -21.27 6.84 -4.11
C ASP A 99 -22.23 7.30 -5.21
N CYS A 100 -21.71 7.79 -6.35
CA CYS A 100 -22.55 8.39 -7.42
C CYS A 100 -23.37 7.28 -8.10
N ARG A 101 -23.07 6.01 -7.89
CA ARG A 101 -23.78 4.86 -8.51
C ARG A 101 -24.90 4.42 -7.55
N LYS A 102 -24.58 4.19 -6.29
CA LYS A 102 -25.52 3.69 -5.25
C LYS A 102 -26.43 4.85 -4.78
N LYS A 103 -25.98 6.09 -5.02
CA LYS A 103 -26.62 7.34 -4.58
C LYS A 103 -26.85 7.28 -3.07
N ASP A 104 -25.83 6.91 -2.29
CA ASP A 104 -25.90 6.89 -0.82
C ASP A 104 -24.65 7.51 -0.19
N GLY A 105 -24.54 7.41 1.13
CA GLY A 105 -23.39 7.98 1.89
C GLY A 105 -23.75 9.29 2.55
N SER A 106 -24.96 9.84 2.31
CA SER A 106 -25.37 11.09 2.98
C SER A 106 -24.31 12.19 2.88
N PRO A 107 -23.74 12.47 1.69
CA PRO A 107 -22.77 13.56 1.58
C PRO A 107 -23.42 14.92 1.88
N ASN A 108 -22.64 15.88 2.40
CA ASN A 108 -22.97 17.33 2.43
C ASN A 108 -24.23 17.47 3.32
N SER A 109 -24.29 16.74 4.43
CA SER A 109 -25.46 16.67 5.33
C SER A 109 -25.03 16.73 6.80
N ALA A 110 -23.73 16.97 7.07
CA ALA A 110 -23.11 16.90 8.41
C ALA A 110 -23.50 15.60 9.10
N SER A 111 -23.58 14.50 8.34
CA SER A 111 -23.82 13.15 8.90
C SER A 111 -22.55 12.73 9.69
N MET A 112 -21.38 13.32 9.41
CA MET A 112 -20.18 13.07 10.24
C MET A 112 -20.34 13.49 11.73
N ARG A 113 -21.41 14.21 12.09
N ARG A 113 -21.40 14.22 12.08
CA ARG A 113 -21.71 14.56 13.50
CA ARG A 113 -21.71 14.54 13.50
C ARG A 113 -22.24 13.33 14.25
C ARG A 113 -22.08 13.26 14.27
N PHE A 114 -22.57 12.24 13.56
CA PHE A 114 -23.10 11.01 14.17
C PHE A 114 -22.14 9.83 14.00
N HIS A 115 -22.42 8.79 14.77
CA HIS A 115 -21.78 7.47 14.71
C HIS A 115 -22.58 6.68 13.67
N PRO A 116 -21.96 5.77 12.88
CA PRO A 116 -20.52 5.47 13.04
C PRO A 116 -19.49 6.40 12.36
N GLU A 117 -19.98 7.22 11.44
CA GLU A 117 -19.13 7.97 10.47
C GLU A 117 -18.09 8.83 11.21
N CYS A 118 -18.44 9.41 12.36
CA CYS A 118 -17.53 10.30 13.13
C CYS A 118 -16.32 9.52 13.67
N SER A 119 -16.43 8.20 13.81
CA SER A 119 -15.41 7.34 14.46
C SER A 119 -14.66 6.52 13.39
N TYR A 120 -14.97 6.66 12.09
CA TYR A 120 -14.17 6.00 11.02
C TYR A 120 -12.77 6.59 11.04
N ALA A 121 -11.75 5.72 10.84
CA ALA A 121 -10.34 6.13 10.95
C ALA A 121 -10.09 7.33 10.04
N GLY A 122 -10.63 7.36 8.83
CA GLY A 122 -10.38 8.46 7.88
C GLY A 122 -10.80 9.84 8.41
N ASN A 123 -11.70 9.89 9.38
CA ASN A 123 -12.26 11.14 9.95
C ASN A 123 -11.54 11.47 11.28
N LYS A 124 -10.46 10.75 11.65
CA LYS A 124 -9.87 11.03 12.98
C LYS A 124 -9.27 12.45 12.96
N GLY A 125 -9.51 13.23 14.00
CA GLY A 125 -8.99 14.63 14.07
C GLY A 125 -10.02 15.67 13.64
N LEU A 126 -11.08 15.23 12.97
CA LEU A 126 -12.09 16.18 12.41
C LEU A 126 -13.04 16.64 13.52
N ASP A 127 -13.06 15.99 14.69
CA ASP A 127 -13.72 16.57 15.92
C ASP A 127 -13.22 17.99 16.22
N LYS A 128 -11.93 18.24 16.10
CA LYS A 128 -11.36 19.59 16.28
C LYS A 128 -11.98 20.58 15.28
N GLY A 129 -12.29 20.14 14.04
CA GLY A 129 -12.91 21.00 13.00
C GLY A 129 -14.38 21.31 13.31
N ARG A 130 -15.12 20.26 13.68
CA ARG A 130 -16.54 20.35 14.07
C ARG A 130 -16.63 21.29 15.27
N ASN A 131 -15.78 21.08 16.29
CA ASN A 131 -15.85 21.84 17.56
C ASN A 131 -15.62 23.32 17.31
N ALA A 132 -14.65 23.64 16.48
CA ALA A 132 -14.15 24.98 16.11
C ALA A 132 -15.25 25.82 15.44
N LEU A 133 -16.36 25.21 14.98
CA LEU A 133 -17.49 25.93 14.33
C LEU A 133 -18.72 25.95 15.23
N GLU A 134 -18.65 25.35 16.42
CA GLU A 134 -19.87 25.26 17.27
C GLU A 134 -20.29 26.69 17.67
N SER A 135 -19.34 27.60 17.93
CA SER A 135 -19.73 28.95 18.43
C SER A 135 -20.38 29.76 17.29
N LEU A 136 -19.93 29.57 16.03
CA LEU A 136 -20.58 30.22 14.87
C LEU A 136 -21.95 29.56 14.66
N LYS A 137 -22.12 28.26 14.94
CA LYS A 137 -23.44 27.63 14.81
C LYS A 137 -24.38 28.34 15.80
N LYS A 138 -23.94 28.52 17.05
CA LYS A 138 -24.77 29.21 18.09
C LYS A 138 -25.14 30.64 17.64
N LYS A 139 -24.17 31.36 17.03
CA LYS A 139 -24.27 32.79 16.66
C LYS A 139 -25.21 32.94 15.49
N TYR A 140 -25.23 31.97 14.58
CA TYR A 140 -26.02 32.04 13.34
C TYR A 140 -26.92 30.83 13.28
N PRO A 141 -27.87 30.67 14.23
CA PRO A 141 -28.49 29.38 14.44
C PRO A 141 -29.31 28.86 13.24
N LYS A 142 -29.65 29.71 12.24
CA LYS A 142 -30.44 29.32 11.06
C LYS A 142 -29.54 28.66 10.00
N ILE A 143 -28.22 28.72 10.16
CA ILE A 143 -27.34 27.94 9.24
C ILE A 143 -27.34 26.46 9.65
N SER A 144 -27.47 25.57 8.67
CA SER A 144 -27.23 24.11 8.86
C SER A 144 -25.74 23.91 9.15
N TYR A 145 -25.40 22.88 9.89
CA TYR A 145 -23.99 22.46 10.04
C TYR A 145 -23.41 22.18 8.65
N ALA A 146 -24.16 21.57 7.73
CA ALA A 146 -23.62 21.17 6.40
C ALA A 146 -23.25 22.45 5.65
N ASP A 147 -24.08 23.51 5.73
CA ASP A 147 -23.78 24.78 5.05
C ASP A 147 -22.57 25.43 5.71
N LEU A 148 -22.49 25.40 7.05
CA LEU A 148 -21.42 26.06 7.80
C LEU A 148 -20.10 25.37 7.47
N TRP A 149 -20.08 24.05 7.46
CA TRP A 149 -18.79 23.36 7.15
C TRP A 149 -18.32 23.71 5.76
N SER A 150 -19.22 23.61 4.79
CA SER A 150 -18.84 23.84 3.38
C SER A 150 -18.38 25.31 3.22
N PHE A 151 -19.14 26.25 3.79
CA PHE A 151 -18.83 27.68 3.67
C PHE A 151 -17.46 27.92 4.27
N ALA A 152 -17.20 27.40 5.46
CA ALA A 152 -15.92 27.66 6.19
C ALA A 152 -14.78 27.17 5.32
N ALA A 153 -14.99 26.09 4.59
CA ALA A 153 -13.92 25.54 3.71
C ALA A 153 -13.68 26.50 2.55
N VAL A 154 -14.73 26.96 1.84
CA VAL A 154 -14.57 27.90 0.69
C VAL A 154 -13.94 29.22 1.21
N VAL A 155 -14.33 29.70 2.39
CA VAL A 155 -13.77 30.97 2.97
C VAL A 155 -12.26 30.73 3.26
N SER A 156 -11.95 29.65 3.96
CA SER A 156 -10.53 29.23 4.24
C SER A 156 -9.68 29.27 2.95
N ILE A 157 -10.15 28.69 1.88
CA ILE A 157 -9.38 28.58 0.61
C ILE A 157 -9.09 29.99 0.10
N GLU A 158 -10.09 30.88 0.07
CA GLU A 158 -9.96 32.27 -0.37
C GLU A 158 -9.01 33.01 0.60
N ALA A 159 -9.08 32.77 1.90
CA ALA A 159 -8.22 33.40 2.93
C ALA A 159 -6.75 33.05 2.69
N MET A 160 -6.45 31.83 2.22
CA MET A 160 -5.07 31.35 2.03
C MET A 160 -4.56 31.76 0.64
N GLY A 161 -5.28 32.63 -0.08
CA GLY A 161 -4.82 33.19 -1.39
C GLY A 161 -5.30 32.32 -2.51
N GLY A 162 -6.21 31.38 -2.25
CA GLY A 162 -6.72 30.45 -3.27
C GLY A 162 -7.85 31.05 -4.07
N PRO A 163 -8.47 30.28 -5.00
CA PRO A 163 -9.56 30.81 -5.80
C PRO A 163 -10.78 31.21 -4.96
N GLU A 164 -11.54 32.17 -5.45
CA GLU A 164 -12.88 32.51 -4.90
C GLU A 164 -13.86 31.44 -5.41
N ILE A 165 -14.25 30.47 -4.59
CA ILE A 165 -15.07 29.31 -5.09
C ILE A 165 -16.57 29.60 -4.91
N PRO A 166 -17.38 29.50 -5.98
CA PRO A 166 -18.81 29.78 -5.88
C PRO A 166 -19.44 28.81 -4.87
N TRP A 167 -20.33 29.35 -4.01
CA TRP A 167 -20.90 28.58 -2.87
C TRP A 167 -22.40 28.88 -2.81
N ARG A 168 -23.18 27.82 -2.81
CA ARG A 168 -24.65 27.87 -2.75
C ARG A 168 -25.08 27.32 -1.40
N TRP A 169 -26.21 27.80 -0.91
CA TRP A 169 -26.71 27.38 0.42
C TRP A 169 -27.93 26.46 0.29
N GLY A 170 -28.35 25.81 1.38
CA GLY A 170 -29.55 24.96 1.38
C GLY A 170 -29.35 23.51 1.78
N ARG A 171 -28.13 23.12 2.19
CA ARG A 171 -27.89 21.71 2.60
C ARG A 171 -28.73 21.42 3.86
N VAL A 172 -29.30 20.22 3.96
CA VAL A 172 -30.12 19.85 5.17
C VAL A 172 -29.36 18.83 6.04
N ASP A 173 -29.25 19.12 7.33
CA ASP A 173 -28.51 18.31 8.32
C ASP A 173 -29.21 16.97 8.58
N ALA A 174 -28.43 15.90 8.50
CA ALA A 174 -28.70 14.60 9.15
C ALA A 174 -29.17 14.83 10.58
N LYS A 175 -30.23 14.11 10.98
CA LYS A 175 -30.86 14.20 12.32
C LYS A 175 -30.53 12.96 13.15
N ASP A 176 -30.00 11.89 12.51
CA ASP A 176 -29.57 10.65 13.23
C ASP A 176 -28.55 9.88 12.37
N GLY A 177 -27.98 8.85 12.96
CA GLY A 177 -26.88 8.07 12.36
C GLY A 177 -27.37 7.15 11.29
N SER A 178 -28.69 6.94 11.13
CA SER A 178 -29.24 5.90 10.20
C SER A 178 -28.84 6.23 8.76
N VAL A 179 -28.52 7.49 8.45
CA VAL A 179 -28.21 7.86 7.04
C VAL A 179 -26.74 7.67 6.68
N CYS A 180 -25.91 7.42 7.68
CA CYS A 180 -24.45 7.24 7.48
C CYS A 180 -24.26 6.05 6.57
N GLY A 181 -23.44 6.22 5.52
CA GLY A 181 -23.02 5.12 4.67
C GLY A 181 -21.89 4.38 5.38
N PRO A 182 -21.33 3.35 4.74
CA PRO A 182 -20.34 2.49 5.39
C PRO A 182 -18.95 3.12 5.38
N ASP A 183 -18.00 2.42 5.98
CA ASP A 183 -16.58 2.83 6.00
C ASP A 183 -15.91 2.38 4.69
N GLY A 184 -14.67 2.80 4.45
CA GLY A 184 -13.95 2.49 3.20
C GLY A 184 -14.40 3.34 2.03
N ARG A 185 -15.22 4.38 2.24
CA ARG A 185 -15.50 5.37 1.19
C ARG A 185 -14.31 6.37 1.03
N LEU A 186 -13.65 6.75 2.13
CA LEU A 186 -12.55 7.73 2.05
C LEU A 186 -11.31 6.97 1.59
N PRO A 187 -10.41 7.71 0.89
CA PRO A 187 -9.22 7.09 0.33
C PRO A 187 -8.28 6.59 1.42
N ASP A 188 -7.56 5.55 1.04
CA ASP A 188 -6.52 4.91 1.86
C ASP A 188 -5.17 5.49 1.40
N ALA A 189 -4.51 6.25 2.28
CA ALA A 189 -3.26 6.98 1.97
C ALA A 189 -2.13 6.01 1.73
N SER A 190 -2.23 4.79 2.24
CA SER A 190 -1.17 3.73 2.13
C SER A 190 -1.25 3.08 0.76
N ARG A 191 -2.32 3.32 0.01
CA ARG A 191 -2.47 2.67 -1.31
C ARG A 191 -2.11 3.60 -2.47
N MET A 192 -2.24 3.08 -3.68
CA MET A 192 -1.61 3.71 -4.86
C MET A 192 -2.67 4.09 -5.90
N GLN A 193 -2.32 4.18 -7.17
CA GLN A 193 -3.10 4.98 -8.14
C GLN A 193 -4.42 4.27 -8.51
N ASP A 194 -4.50 2.94 -8.48
CA ASP A 194 -5.74 2.25 -8.86
C ASP A 194 -6.76 2.50 -7.76
N HIS A 195 -6.32 2.45 -6.51
CA HIS A 195 -7.25 2.68 -5.37
C HIS A 195 -7.72 4.13 -5.47
N VAL A 196 -6.80 5.03 -5.77
CA VAL A 196 -7.20 6.47 -5.89
C VAL A 196 -8.25 6.60 -6.99
N ARG A 197 -7.98 6.06 -8.16
CA ARG A 197 -8.95 6.18 -9.28
C ARG A 197 -10.27 5.50 -8.89
N ASP A 198 -10.23 4.35 -8.22
CA ASP A 198 -11.46 3.64 -7.78
C ASP A 198 -12.30 4.57 -6.89
N VAL A 199 -11.66 5.24 -5.95
CA VAL A 199 -12.41 6.08 -4.97
C VAL A 199 -12.99 7.27 -5.73
N PHE A 200 -12.16 7.97 -6.51
CA PHE A 200 -12.61 9.21 -7.19
C PHE A 200 -13.58 8.91 -8.33
N SER A 201 -13.52 7.73 -8.94
CA SER A 201 -14.55 7.37 -9.94
C SER A 201 -15.88 7.06 -9.22
N ARG A 202 -15.81 6.49 -8.03
CA ARG A 202 -17.05 6.23 -7.25
C ARG A 202 -17.71 7.55 -6.83
N LEU A 203 -16.92 8.58 -6.59
CA LEU A 203 -17.42 9.92 -6.22
C LEU A 203 -17.98 10.66 -7.44
N GLY A 204 -17.70 10.19 -8.65
CA GLY A 204 -18.21 10.83 -9.87
C GLY A 204 -17.23 11.75 -10.57
N PHE A 205 -15.93 11.76 -10.20
CA PHE A 205 -14.89 12.65 -10.77
C PHE A 205 -14.09 11.99 -11.90
N ASN A 206 -13.62 12.77 -12.85
CA ASN A 206 -12.72 12.23 -13.90
C ASN A 206 -11.27 12.41 -13.41
N ASP A 207 -10.26 12.08 -14.20
CA ASP A 207 -8.85 12.17 -13.72
C ASP A 207 -8.45 13.62 -13.52
N GLU A 208 -8.86 14.57 -14.38
CA GLU A 208 -8.42 15.98 -14.23
C GLU A 208 -8.95 16.53 -12.93
N GLU A 209 -10.18 16.19 -12.56
CA GLU A 209 -10.81 16.70 -11.30
C GLU A 209 -10.16 15.99 -10.09
N THR A 210 -9.83 14.71 -10.23
CA THR A 210 -9.20 13.88 -9.15
C THR A 210 -7.87 14.54 -8.78
N VAL A 211 -7.00 14.78 -9.77
CA VAL A 211 -5.67 15.35 -9.53
C VAL A 211 -5.80 16.77 -8.91
N ALA A 212 -6.73 17.60 -9.42
CA ALA A 212 -6.91 18.98 -8.93
C ALA A 212 -7.31 18.94 -7.45
N LEU A 213 -8.27 18.10 -7.11
CA LEU A 213 -8.72 17.94 -5.69
C LEU A 213 -7.54 17.51 -4.82
N ILE A 214 -6.71 16.53 -5.29
CA ILE A 214 -5.58 16.05 -4.45
C ILE A 214 -4.55 17.17 -4.28
N GLY A 215 -4.50 18.13 -5.22
CA GLY A 215 -3.71 19.37 -5.06
C GLY A 215 -4.09 20.25 -3.86
N ALA A 216 -5.16 19.96 -3.11
CA ALA A 216 -5.49 20.64 -1.82
C ALA A 216 -4.39 20.42 -0.78
N HIS A 217 -3.55 19.39 -0.90
CA HIS A 217 -2.44 19.12 0.02
C HIS A 217 -1.34 20.19 -0.12
N THR A 218 -1.46 21.09 -1.12
CA THR A 218 -0.73 22.40 -1.11
C THR A 218 -0.76 23.00 0.31
N CYS A 219 -1.87 22.87 1.03
CA CYS A 219 -2.05 23.48 2.37
C CYS A 219 -2.23 22.43 3.45
N GLY A 220 -1.84 22.77 4.67
CA GLY A 220 -2.04 21.87 5.82
C GLY A 220 -0.90 20.89 6.03
N GLU A 221 -1.12 19.92 6.91
CA GLU A 221 -0.08 18.93 7.24
C GLU A 221 -0.70 17.70 7.90
N CYS A 222 0.09 16.65 8.00
CA CYS A 222 -0.33 15.39 8.65
C CYS A 222 0.09 15.44 10.13
N HIS A 223 -0.72 14.82 10.95
CA HIS A 223 -0.51 14.79 12.41
C HIS A 223 -0.47 13.35 12.85
N LEU A 224 0.55 12.99 13.60
CA LEU A 224 0.76 11.59 14.00
C LEU A 224 -0.48 11.14 14.80
N GLU A 225 -0.97 11.99 15.70
CA GLU A 225 -2.18 11.61 16.51
C GLU A 225 -3.45 11.41 15.69
N ASN A 226 -3.60 11.98 14.49
CA ASN A 226 -4.82 11.79 13.68
C ASN A 226 -4.72 10.56 12.78
N THR A 227 -3.66 10.48 11.97
CA THR A 227 -3.59 9.47 10.89
C THR A 227 -2.28 8.67 10.93
N GLY A 228 -1.39 8.88 11.88
CA GLY A 228 -0.08 8.18 11.87
C GLY A 228 0.91 8.67 10.82
N TYR A 229 0.61 9.77 10.14
CA TYR A 229 1.46 10.43 9.12
C TYR A 229 1.90 11.78 9.73
N VAL A 230 3.06 12.32 9.34
CA VAL A 230 3.62 13.53 10.01
C VAL A 230 4.22 14.48 8.97
N GLY A 231 3.79 15.72 8.99
CA GLY A 231 4.50 16.79 8.30
C GLY A 231 3.66 17.52 7.26
N PRO A 232 4.14 18.67 6.78
CA PRO A 232 3.54 19.30 5.61
C PRO A 232 3.97 18.74 4.28
N PHE A 233 3.21 19.07 3.23
CA PHE A 233 3.48 18.68 1.84
C PHE A 233 4.29 19.79 1.18
N THR A 234 4.16 21.06 1.62
CA THR A 234 4.92 22.18 1.00
C THR A 234 5.59 23.00 2.09
N HIS A 235 6.44 23.97 1.70
CA HIS A 235 7.11 24.83 2.68
C HIS A 235 6.26 26.05 3.03
N ASP A 236 5.07 26.15 2.44
CA ASP A 236 4.11 27.28 2.63
C ASP A 236 2.73 26.64 2.90
N LYS A 237 2.56 26.01 4.05
CA LYS A 237 1.38 25.14 4.30
C LYS A 237 0.09 25.98 4.50
N TYR A 238 0.21 27.30 4.68
CA TYR A 238 -0.99 28.18 4.80
C TYR A 238 -1.20 28.98 3.53
N GLY A 239 -0.61 28.55 2.41
CA GLY A 239 -0.85 29.10 1.06
C GLY A 239 -1.62 28.13 0.20
N PHE A 240 -2.53 28.62 -0.64
CA PHE A 240 -3.33 27.76 -1.52
C PHE A 240 -2.94 28.12 -2.96
N ASP A 241 -2.14 27.24 -3.57
CA ASP A 241 -1.66 27.42 -4.97
C ASP A 241 -1.25 26.05 -5.54
N ASN A 242 -0.60 26.01 -6.72
CA ASN A 242 -0.17 24.73 -7.34
C ASN A 242 1.09 24.14 -6.69
N SER A 243 1.55 24.63 -5.54
CA SER A 243 2.92 24.25 -5.09
C SER A 243 2.99 22.79 -4.60
N PHE A 244 1.90 22.14 -4.25
CA PHE A 244 1.93 20.66 -4.04
C PHE A 244 2.52 19.95 -5.28
N PHE A 245 2.13 20.37 -6.49
CA PHE A 245 2.70 19.82 -7.77
C PHE A 245 4.14 20.27 -8.01
N THR A 246 4.47 21.53 -7.79
CA THR A 246 5.88 22.02 -7.92
CA THR A 246 5.88 21.96 -8.00
C THR A 246 6.79 21.16 -7.04
N GLU A 247 6.42 20.98 -5.76
CA GLU A 247 7.24 20.19 -4.81
C GLU A 247 7.26 18.72 -5.23
N LEU A 248 6.13 18.18 -5.68
CA LEU A 248 6.03 16.77 -6.11
C LEU A 248 7.03 16.46 -7.23
N PHE A 249 6.98 17.21 -8.35
CA PHE A 249 8.00 17.14 -9.42
C PHE A 249 9.40 17.64 -9.02
N GLY A 250 9.56 18.61 -8.12
CA GLY A 250 10.84 19.28 -7.81
C GLY A 250 11.65 18.64 -6.68
N ASN A 251 11.37 17.41 -6.24
CA ASN A 251 12.14 16.74 -5.16
C ASN A 251 12.38 15.29 -5.57
N GLU A 252 13.33 14.67 -4.90
CA GLU A 252 13.50 13.22 -4.91
C GLU A 252 12.89 12.77 -3.61
N TRP A 253 11.97 11.83 -3.70
CA TRP A 253 11.20 11.31 -2.55
C TRP A 253 11.89 10.06 -2.04
N MET A 254 12.15 10.01 -0.77
N MET A 254 12.09 10.00 -0.75
CA MET A 254 12.78 8.83 -0.17
CA MET A 254 12.83 8.90 -0.12
C MET A 254 11.96 8.41 1.02
C MET A 254 12.09 8.46 1.14
N LEU A 255 12.23 7.19 1.47
CA LEU A 255 11.55 6.64 2.63
C LEU A 255 11.97 7.45 3.83
N ASN A 256 11.00 7.83 4.63
CA ASN A 256 11.21 8.37 6.00
C ASN A 256 11.26 7.23 6.99
N PRO A 257 12.48 6.90 7.51
CA PRO A 257 12.63 5.71 8.34
C PRO A 257 12.12 5.87 9.78
N ASN A 258 11.76 7.10 10.14
CA ASN A 258 11.35 7.50 11.48
C ASN A 258 9.82 7.51 11.66
N VAL A 259 9.02 7.05 10.68
CA VAL A 259 7.54 7.00 10.81
C VAL A 259 7.06 5.55 10.59
N LYS A 260 6.27 5.01 11.52
CA LYS A 260 5.81 3.58 11.48
C LYS A 260 4.94 3.35 10.25
N LYS A 261 3.98 4.25 9.94
CA LYS A 261 3.25 4.23 8.64
C LYS A 261 4.18 4.70 7.53
N MET A 262 4.13 4.01 6.40
CA MET A 262 5.06 4.31 5.28
C MET A 262 4.81 5.70 4.68
N GLN A 263 5.82 6.57 4.74
CA GLN A 263 5.72 7.86 4.04
C GLN A 263 7.08 8.29 3.52
N PHE A 264 7.01 9.27 2.63
CA PHE A 264 8.21 9.80 1.99
C PHE A 264 8.60 11.15 2.59
N MET A 265 9.87 11.47 2.41
CA MET A 265 10.38 12.84 2.67
C MET A 265 11.17 13.33 1.48
N ASP A 266 11.30 14.65 1.30
CA ASP A 266 12.16 15.17 0.20
C ASP A 266 13.65 15.04 0.59
N LYS A 267 14.45 14.66 -0.39
CA LYS A 267 15.92 14.55 -0.22
C LYS A 267 16.51 15.91 0.23
N THR A 268 16.17 16.99 -0.47
CA THR A 268 16.74 18.35 -0.24
C THR A 268 16.72 18.78 1.24
N THR A 269 15.54 18.84 1.88
CA THR A 269 15.41 19.31 3.30
C THR A 269 14.91 18.28 4.31
N ASN A 270 14.30 17.15 3.90
CA ASN A 270 13.61 16.14 4.75
C ASN A 270 12.43 16.75 5.53
N ARG A 271 12.02 17.98 5.21
CA ARG A 271 10.95 18.69 5.97
C ARG A 271 9.58 18.61 5.29
N LEU A 272 9.51 18.19 4.02
CA LEU A 272 8.27 17.89 3.29
C LEU A 272 7.98 16.42 3.43
N MET A 273 6.72 16.07 3.28
N MET A 273 6.72 16.08 3.28
CA MET A 273 6.34 14.64 3.26
CA MET A 273 6.32 14.66 3.19
C MET A 273 5.32 14.41 2.15
C MET A 273 5.41 14.44 2.02
N MET A 274 5.32 13.17 1.63
CA MET A 274 4.28 12.71 0.66
C MET A 274 3.80 11.37 1.17
N LEU A 275 2.52 11.15 0.95
CA LEU A 275 1.92 9.84 1.22
C LEU A 275 2.16 8.95 0.01
N PRO A 276 2.10 7.61 0.16
CA PRO A 276 2.14 6.72 -1.00
C PRO A 276 1.08 7.14 -2.04
N ALA A 277 -0.12 7.49 -1.60
CA ALA A 277 -1.17 7.83 -2.59
C ALA A 277 -0.79 9.09 -3.38
N ASP A 278 -0.14 10.04 -2.72
CA ASP A 278 0.38 11.28 -3.37
C ASP A 278 1.41 10.96 -4.43
N VAL A 279 2.47 10.20 -4.07
CA VAL A 279 3.55 9.90 -5.06
C VAL A 279 2.98 8.97 -6.13
N SER A 280 1.84 8.28 -5.92
CA SER A 280 1.26 7.45 -7.02
C SER A 280 0.86 8.34 -8.19
N ILE A 281 0.75 9.67 -7.99
CA ILE A 281 0.44 10.60 -9.12
C ILE A 281 1.65 10.62 -10.08
N LEU A 282 2.84 10.43 -9.55
CA LEU A 282 4.06 10.41 -10.40
C LEU A 282 4.13 9.10 -11.17
N LEU A 283 3.52 8.02 -10.67
CA LEU A 283 3.73 6.65 -11.23
C LEU A 283 2.69 6.34 -12.28
N ASP A 284 1.51 6.97 -12.17
CA ASP A 284 0.41 6.85 -13.13
C ASP A 284 0.68 7.86 -14.25
N ASP A 285 0.80 7.36 -15.48
CA ASP A 285 1.14 8.15 -16.71
C ASP A 285 0.09 9.25 -16.88
N LYS A 286 -1.19 8.86 -16.81
CA LYS A 286 -2.37 9.75 -16.97
C LYS A 286 -2.32 10.83 -15.87
N TYR A 287 -2.24 10.42 -14.60
CA TYR A 287 -2.25 11.42 -13.50
C TYR A 287 -0.99 12.30 -13.61
N ARG A 288 0.15 11.74 -13.94
CA ARG A 288 1.39 12.54 -14.07
C ARG A 288 1.26 13.67 -15.11
N SER A 289 0.62 13.39 -16.24
CA SER A 289 0.51 14.35 -17.38
C SER A 289 -0.29 15.58 -16.90
N ILE A 290 -1.35 15.29 -16.16
CA ILE A 290 -2.36 16.23 -15.59
C ILE A 290 -1.66 17.02 -14.48
N ALA A 291 -0.94 16.37 -13.58
CA ALA A 291 -0.18 17.07 -12.53
C ALA A 291 0.88 18.03 -13.12
N LYS A 292 1.56 17.62 -14.20
N LYS A 292 1.57 17.63 -14.20
CA LYS A 292 2.56 18.50 -14.88
CA LYS A 292 2.58 18.50 -14.85
C LYS A 292 1.86 19.78 -15.36
C LYS A 292 1.88 19.77 -15.38
N LYS A 293 0.67 19.66 -15.96
CA LYS A 293 -0.12 20.82 -16.47
C LYS A 293 -0.38 21.79 -15.29
N TYR A 294 -0.73 21.25 -14.12
CA TYR A 294 -1.05 22.05 -12.90
C TYR A 294 0.24 22.67 -12.31
N ALA A 295 1.36 21.95 -12.29
CA ALA A 295 2.67 22.47 -11.83
C ALA A 295 3.06 23.68 -12.68
N ASP A 296 2.80 23.60 -13.98
CA ASP A 296 3.23 24.57 -15.02
C ASP A 296 2.35 25.83 -14.99
N ASP A 297 1.09 25.77 -14.51
CA ASP A 297 0.07 26.83 -14.75
C ASP A 297 -0.88 26.96 -13.56
N ASN A 298 -0.58 27.88 -12.64
CA ASN A 298 -1.27 27.95 -11.33
C ASN A 298 -2.70 28.46 -11.53
N ASP A 299 -2.92 29.35 -12.48
CA ASP A 299 -4.28 29.84 -12.82
C ASP A 299 -5.14 28.66 -13.33
N TYR A 300 -4.57 27.80 -14.12
CA TYR A 300 -5.28 26.64 -14.67
C TYR A 300 -5.57 25.67 -13.52
N PHE A 301 -4.57 25.44 -12.68
CA PHE A 301 -4.79 24.60 -11.47
C PHE A 301 -5.89 25.23 -10.59
N CYS A 302 -5.80 26.53 -10.28
CA CYS A 302 -6.81 27.17 -9.37
C CYS A 302 -8.23 27.05 -9.91
N ASN A 303 -8.43 27.21 -11.22
N ASN A 303 -8.42 27.30 -11.20
CA ASN A 303 -9.78 27.19 -11.88
CA ASN A 303 -9.73 27.16 -11.87
C ASN A 303 -10.31 25.74 -11.94
C ASN A 303 -10.24 25.73 -11.71
N ALA A 304 -9.41 24.77 -12.09
CA ALA A 304 -9.77 23.34 -12.10
C ALA A 304 -10.15 22.93 -10.70
N PHE A 305 -9.40 23.41 -9.71
CA PHE A 305 -9.73 23.09 -8.29
C PHE A 305 -11.07 23.71 -7.89
N SER A 306 -11.26 24.97 -8.21
CA SER A 306 -12.52 25.68 -7.92
C SER A 306 -13.72 24.86 -8.43
N LYS A 307 -13.70 24.47 -9.71
CA LYS A 307 -14.84 23.78 -10.37
C LYS A 307 -15.10 22.42 -9.68
N ALA A 308 -14.02 21.74 -9.36
CA ALA A 308 -14.09 20.36 -8.83
C ALA A 308 -14.49 20.40 -7.36
N TYR A 309 -14.06 21.40 -6.61
CA TYR A 309 -14.38 21.50 -5.16
C TYR A 309 -15.80 22.01 -5.01
N GLN A 310 -16.27 22.91 -5.88
CA GLN A 310 -17.72 23.25 -5.85
C GLN A 310 -18.53 21.98 -6.11
N LYS A 311 -18.15 21.19 -7.13
CA LYS A 311 -18.88 19.96 -7.49
C LYS A 311 -18.89 19.06 -6.25
N LEU A 312 -17.74 18.93 -5.59
CA LEU A 312 -17.62 18.04 -4.40
C LEU A 312 -18.63 18.46 -3.30
N LEU A 313 -18.69 19.74 -2.99
CA LEU A 313 -19.53 20.28 -1.89
C LEU A 313 -21.00 20.28 -2.33
N GLU A 314 -21.32 19.76 -3.53
CA GLU A 314 -22.72 19.71 -4.05
C GLU A 314 -23.14 18.27 -4.36
N VAL A 315 -22.29 17.24 -4.23
CA VAL A 315 -22.74 15.88 -4.62
C VAL A 315 -23.87 15.50 -3.63
N GLY A 316 -24.87 14.81 -4.16
CA GLY A 316 -26.00 14.23 -3.42
C GLY A 316 -26.87 15.29 -2.77
N THR A 317 -26.81 16.52 -3.27
CA THR A 317 -27.63 17.67 -2.79
C THR A 317 -28.80 17.97 -3.74
N THR A 318 -29.82 18.64 -3.20
CA THR A 318 -30.99 19.13 -3.97
C THR A 318 -31.32 20.54 -3.48
N ASP A 319 -31.96 21.35 -4.34
CA ASP A 319 -32.68 22.57 -3.92
C ASP A 319 -31.67 23.55 -3.30
N LEU A 320 -30.45 23.63 -3.83
CA LEU A 320 -29.49 24.64 -3.35
C LEU A 320 -29.83 26.01 -3.97
N LYS A 321 -29.41 27.06 -3.30
CA LYS A 321 -29.75 28.46 -3.67
C LYS A 321 -28.48 29.30 -3.88
N SER A 322 -28.42 30.09 -4.96
CA SER A 322 -27.35 31.07 -5.19
C SER A 322 -27.51 32.28 -4.28
N LEU A 323 -26.41 32.82 -3.77
CA LEU A 323 -26.38 34.06 -3.00
C LEU A 323 -26.72 35.19 -3.97
N PRO A 324 -27.48 36.35 -3.59
CA PRO A 324 -27.80 37.84 -4.29
C PRO A 324 -26.37 38.33 -4.51
N ALA A 325 -26.09 38.90 -5.67
CA ALA A 325 -24.74 39.48 -5.86
C ALA A 325 -24.66 40.65 -4.89
N GLU A 326 -23.86 40.52 -3.83
CA GLU A 326 -23.57 41.44 -2.68
C GLU A 326 -23.33 40.55 -1.46
N SER A 327 -23.92 39.36 -1.48
CA SER A 327 -23.71 38.35 -0.41
C SER A 327 -22.56 37.45 -0.84
N LYS A 328 -22.44 37.21 -2.15
CA LYS A 328 -21.46 36.25 -2.73
C LYS A 328 -20.05 36.86 -2.74
N LYS B 57 12.07 -38.51 12.83
CA LYS B 57 11.95 -39.71 13.67
C LYS B 57 12.13 -40.96 12.79
N VAL B 58 11.74 -40.95 11.49
CA VAL B 58 11.68 -42.13 10.60
C VAL B 58 12.66 -41.94 9.44
N THR B 59 13.68 -42.81 9.33
CA THR B 59 14.65 -42.78 8.20
C THR B 59 14.37 -43.88 7.16
N GLU B 60 14.29 -43.53 5.88
CA GLU B 60 14.10 -44.54 4.81
C GLU B 60 14.67 -44.01 3.51
N ALA B 61 15.31 -44.86 2.73
CA ALA B 61 15.75 -44.55 1.37
C ALA B 61 14.50 -44.25 0.53
N PRO B 62 14.48 -43.14 -0.27
CA PRO B 62 13.33 -42.85 -1.12
C PRO B 62 13.36 -43.82 -2.29
N PRO B 63 12.22 -43.97 -3.00
CA PRO B 63 12.10 -44.85 -4.16
C PRO B 63 12.60 -44.21 -5.46
N PHE B 64 13.50 -43.24 -5.35
CA PHE B 64 14.20 -42.57 -6.47
C PHE B 64 15.64 -42.32 -6.01
N ASP B 65 16.62 -42.27 -6.91
CA ASP B 65 18.04 -42.13 -6.51
C ASP B 65 18.31 -40.65 -6.17
N VAL B 66 18.38 -40.37 -4.88
CA VAL B 66 18.33 -38.95 -4.48
C VAL B 66 19.69 -38.29 -4.81
N ASN B 67 20.81 -39.04 -4.86
CA ASN B 67 22.14 -38.43 -5.06
C ASN B 67 22.27 -38.01 -6.52
N SER B 68 21.77 -38.83 -7.43
CA SER B 68 21.77 -38.58 -8.89
C SER B 68 20.82 -37.42 -9.15
N LEU B 69 19.68 -37.42 -8.47
CA LEU B 69 18.67 -36.34 -8.61
C LEU B 69 19.29 -35.00 -8.22
N ARG B 70 19.97 -34.95 -7.09
CA ARG B 70 20.69 -33.73 -6.65
C ARG B 70 21.67 -33.25 -7.73
N ARG B 71 22.47 -34.15 -8.33
CA ARG B 71 23.54 -33.81 -9.29
C ARG B 71 22.88 -33.28 -10.56
N ASP B 72 21.69 -33.81 -10.87
CA ASP B 72 20.85 -33.40 -12.01
C ASP B 72 20.33 -31.97 -11.77
N ILE B 73 19.83 -31.69 -10.57
CA ILE B 73 19.35 -30.31 -10.25
C ILE B 73 20.56 -29.38 -10.31
N GLU B 74 21.66 -29.77 -9.68
CA GLU B 74 22.88 -28.91 -9.70
C GLU B 74 23.26 -28.63 -11.16
N GLU B 75 23.09 -29.59 -12.11
CA GLU B 75 23.40 -29.36 -13.54
C GLU B 75 22.46 -28.34 -14.16
N ILE B 76 21.18 -28.34 -13.75
N ILE B 76 21.16 -28.34 -13.80
CA ILE B 76 20.18 -27.33 -14.19
CA ILE B 76 20.24 -27.27 -14.28
C ILE B 76 20.70 -25.92 -13.83
C ILE B 76 20.87 -25.93 -13.90
N LEU B 77 21.30 -25.78 -12.66
CA LEU B 77 21.72 -24.47 -12.12
C LEU B 77 23.04 -24.04 -12.74
N SER B 78 23.92 -25.01 -13.02
CA SER B 78 25.16 -24.81 -13.82
C SER B 78 24.85 -24.17 -15.17
N GLU B 79 23.83 -24.67 -15.86
CA GLU B 79 23.40 -24.24 -17.22
C GLU B 79 22.59 -22.95 -17.18
N ASP B 80 21.90 -22.67 -16.07
CA ASP B 80 21.06 -21.44 -15.94
C ASP B 80 20.98 -21.03 -14.46
N MET B 81 21.94 -20.21 -14.03
CA MET B 81 22.10 -19.82 -12.61
C MET B 81 20.80 -19.14 -12.14
N SER B 82 19.98 -18.61 -13.05
CA SER B 82 18.74 -17.87 -12.69
C SER B 82 17.71 -18.83 -12.07
N LYS B 83 17.90 -20.13 -12.32
CA LYS B 83 16.83 -21.09 -11.93
C LYS B 83 16.87 -21.38 -10.44
N GLY B 84 17.98 -21.16 -9.74
CA GLY B 84 18.09 -21.38 -8.29
C GLY B 84 17.10 -20.58 -7.47
N PRO B 85 17.11 -19.23 -7.62
CA PRO B 85 16.14 -18.38 -6.92
C PRO B 85 14.70 -18.73 -7.34
N LEU B 86 14.52 -19.06 -8.61
CA LEU B 86 13.21 -19.41 -9.16
C LEU B 86 12.71 -20.62 -8.39
N PHE B 87 13.54 -21.61 -8.19
CA PHE B 87 13.08 -22.82 -7.48
C PHE B 87 12.78 -22.53 -6.02
N VAL B 88 13.53 -21.62 -5.40
CA VAL B 88 13.24 -21.26 -3.99
C VAL B 88 11.86 -20.61 -3.91
N ARG B 89 11.56 -19.70 -4.84
CA ARG B 89 10.23 -19.03 -4.86
C ARG B 89 9.13 -20.07 -5.12
N LEU B 90 9.38 -20.97 -6.05
CA LEU B 90 8.35 -21.97 -6.39
C LEU B 90 7.96 -22.83 -5.18
N ALA B 91 8.92 -23.36 -4.45
CA ALA B 91 8.64 -24.23 -3.31
C ALA B 91 7.95 -23.41 -2.20
N TRP B 92 8.35 -22.16 -2.04
CA TRP B 92 7.70 -21.23 -1.09
C TRP B 92 6.22 -21.02 -1.48
N HIS B 93 5.90 -20.69 -2.73
CA HIS B 93 4.50 -20.39 -3.13
C HIS B 93 3.66 -21.68 -3.02
N GLU B 94 4.27 -22.83 -3.23
CA GLU B 94 3.55 -24.11 -3.04
C GLU B 94 3.20 -24.33 -1.56
N ALA B 95 4.01 -23.86 -0.59
CA ALA B 95 3.76 -23.98 0.86
C ALA B 95 2.88 -22.81 1.36
N GLY B 96 2.96 -21.67 0.69
CA GLY B 96 2.43 -20.39 1.21
C GLY B 96 0.92 -20.33 1.22
N SER B 97 0.27 -21.31 0.59
CA SER B 97 -1.21 -21.37 0.54
C SER B 97 -1.78 -21.75 1.90
N TRP B 98 -0.96 -22.29 2.83
CA TRP B 98 -1.40 -22.85 4.15
C TRP B 98 -2.11 -21.83 5.05
N ASP B 99 -3.10 -22.30 5.76
CA ASP B 99 -3.74 -21.60 6.89
C ASP B 99 -3.66 -22.56 8.04
N CYS B 100 -2.84 -22.23 9.03
CA CYS B 100 -2.54 -23.14 10.18
C CYS B 100 -3.79 -23.29 11.10
N ARG B 101 -4.75 -22.36 11.00
N ARG B 101 -4.80 -22.44 10.95
CA ARG B 101 -6.01 -22.35 11.78
CA ARG B 101 -6.00 -22.41 11.83
C ARG B 101 -7.03 -23.28 11.10
C ARG B 101 -7.16 -23.17 11.15
N LYS B 102 -7.39 -22.94 9.86
CA LYS B 102 -8.38 -23.67 9.05
C LYS B 102 -7.82 -25.02 8.64
N LYS B 103 -6.49 -25.21 8.74
CA LYS B 103 -5.81 -26.42 8.23
C LYS B 103 -6.27 -26.70 6.80
N ASP B 104 -6.17 -25.71 5.90
CA ASP B 104 -6.50 -25.85 4.47
C ASP B 104 -5.52 -25.08 3.57
N GLY B 105 -5.73 -25.13 2.24
CA GLY B 105 -4.86 -24.58 1.18
C GLY B 105 -3.95 -25.61 0.55
N SER B 106 -4.08 -26.90 0.91
CA SER B 106 -3.26 -28.00 0.31
C SER B 106 -1.81 -27.56 0.15
N PRO B 107 -1.07 -27.09 1.19
CA PRO B 107 0.32 -26.75 0.93
C PRO B 107 1.18 -27.98 0.63
N ASN B 108 2.34 -27.83 -0.04
CA ASN B 108 3.38 -28.88 -0.14
C ASN B 108 2.74 -30.16 -0.79
N SER B 109 1.95 -29.94 -1.82
CA SER B 109 1.16 -30.99 -2.52
C SER B 109 1.27 -30.81 -4.04
N ALA B 110 2.08 -29.88 -4.51
CA ALA B 110 2.11 -29.48 -5.92
C ALA B 110 0.68 -29.19 -6.47
N SER B 111 -0.23 -28.62 -5.62
CA SER B 111 -1.58 -28.15 -6.03
C SER B 111 -1.48 -26.95 -6.98
N MET B 112 -0.34 -26.28 -7.02
CA MET B 112 -0.13 -25.15 -7.95
C MET B 112 -0.06 -25.61 -9.42
N ARG B 113 0.16 -26.92 -9.72
CA ARG B 113 0.04 -27.57 -11.06
C ARG B 113 -1.37 -27.40 -11.62
N PHE B 114 -2.38 -27.15 -10.80
CA PHE B 114 -3.79 -27.12 -11.27
C PHE B 114 -4.35 -25.68 -11.28
N HIS B 115 -5.34 -25.45 -12.12
CA HIS B 115 -6.27 -24.29 -11.98
C HIS B 115 -7.21 -24.57 -10.81
N PRO B 116 -7.53 -23.56 -9.95
CA PRO B 116 -7.20 -22.16 -10.20
C PRO B 116 -5.81 -21.65 -9.76
N GLU B 117 -5.14 -22.38 -8.86
CA GLU B 117 -3.94 -21.93 -8.15
C GLU B 117 -2.86 -21.49 -9.15
N CYS B 118 -2.64 -22.20 -10.27
CA CYS B 118 -1.57 -21.86 -11.26
C CYS B 118 -1.79 -20.42 -11.76
N SER B 119 -3.03 -19.93 -11.78
CA SER B 119 -3.40 -18.63 -12.35
C SER B 119 -3.50 -17.50 -11.33
N TYR B 120 -3.35 -17.77 -10.05
CA TYR B 120 -3.31 -16.70 -9.03
C TYR B 120 -2.20 -15.70 -9.37
N ALA B 121 -2.47 -14.38 -9.33
CA ALA B 121 -1.45 -13.37 -9.72
C ALA B 121 -0.10 -13.64 -9.03
N GLY B 122 -0.10 -14.05 -7.76
CA GLY B 122 1.11 -14.27 -6.95
C GLY B 122 1.97 -15.38 -7.51
N ASN B 123 1.41 -16.26 -8.36
CA ASN B 123 2.15 -17.42 -8.92
C ASN B 123 2.67 -17.14 -10.33
N LYS B 124 2.56 -15.91 -10.82
CA LYS B 124 2.89 -15.58 -12.22
C LYS B 124 4.39 -15.72 -12.38
N GLY B 125 4.77 -16.39 -13.45
CA GLY B 125 6.18 -16.70 -13.72
C GLY B 125 6.59 -18.07 -13.20
N LEU B 126 5.80 -18.71 -12.35
CA LEU B 126 6.21 -20.00 -11.73
C LEU B 126 6.02 -21.18 -12.69
N ASP B 127 5.26 -21.01 -13.75
CA ASP B 127 5.24 -22.01 -14.86
C ASP B 127 6.65 -22.33 -15.37
N LYS B 128 7.50 -21.31 -15.51
N LYS B 128 7.54 -21.34 -15.49
CA LYS B 128 8.93 -21.47 -15.85
CA LYS B 128 8.95 -21.58 -15.94
C LYS B 128 9.56 -22.52 -14.93
C LYS B 128 9.71 -22.44 -14.92
N GLY B 129 9.41 -22.37 -13.61
CA GLY B 129 10.07 -23.27 -12.65
C GLY B 129 9.48 -24.67 -12.75
N ARG B 130 8.17 -24.76 -12.84
CA ARG B 130 7.50 -26.08 -12.91
C ARG B 130 7.96 -26.79 -14.19
N ASN B 131 7.89 -26.14 -15.33
CA ASN B 131 8.34 -26.71 -16.65
C ASN B 131 9.79 -27.18 -16.59
N ALA B 132 10.68 -26.41 -15.91
CA ALA B 132 12.13 -26.67 -15.77
C ALA B 132 12.43 -28.01 -15.05
N LEU B 133 11.46 -28.57 -14.34
CA LEU B 133 11.64 -29.79 -13.53
C LEU B 133 10.92 -30.98 -14.19
N GLU B 134 10.10 -30.76 -15.20
CA GLU B 134 9.32 -31.85 -15.88
C GLU B 134 10.24 -32.99 -16.39
N SER B 135 11.35 -32.71 -17.08
CA SER B 135 12.24 -33.80 -17.57
C SER B 135 12.87 -34.54 -16.39
N LEU B 136 13.08 -33.93 -15.22
CA LEU B 136 13.50 -34.71 -14.02
C LEU B 136 12.36 -35.56 -13.45
N LYS B 137 11.12 -35.07 -13.49
CA LYS B 137 9.95 -35.89 -13.09
C LYS B 137 9.93 -37.08 -14.05
N LYS B 138 10.12 -36.87 -15.33
CA LYS B 138 10.11 -38.02 -16.29
C LYS B 138 11.23 -39.00 -15.89
N LYS B 139 12.43 -38.51 -15.59
CA LYS B 139 13.66 -39.31 -15.30
C LYS B 139 13.52 -40.00 -13.94
N TYR B 140 12.90 -39.36 -12.95
CA TYR B 140 12.67 -39.99 -11.64
C TYR B 140 11.17 -40.13 -11.39
N PRO B 141 10.45 -41.01 -12.13
CA PRO B 141 8.99 -41.08 -12.09
C PRO B 141 8.39 -41.42 -10.73
N LYS B 142 9.17 -41.97 -9.78
CA LYS B 142 8.66 -42.33 -8.45
C LYS B 142 8.75 -41.13 -7.49
N ILE B 143 9.43 -40.05 -7.86
CA ILE B 143 9.31 -38.79 -7.04
C ILE B 143 7.97 -38.07 -7.29
N SER B 144 7.33 -37.58 -6.22
CA SER B 144 6.16 -36.66 -6.31
C SER B 144 6.70 -35.29 -6.75
N TYR B 145 5.91 -34.57 -7.51
CA TYR B 145 6.18 -33.18 -7.92
C TYR B 145 6.48 -32.39 -6.63
N ALA B 146 5.74 -32.62 -5.55
CA ALA B 146 5.83 -31.80 -4.31
C ALA B 146 7.21 -32.04 -3.69
N ASP B 147 7.64 -33.33 -3.60
CA ASP B 147 9.02 -33.64 -3.18
C ASP B 147 10.02 -33.05 -4.19
N LEU B 148 9.77 -33.12 -5.49
CA LEU B 148 10.73 -32.64 -6.49
C LEU B 148 10.93 -31.10 -6.37
N TRP B 149 9.84 -30.37 -6.14
CA TRP B 149 9.94 -28.87 -6.08
C TRP B 149 10.71 -28.51 -4.81
N SER B 150 10.35 -29.13 -3.71
CA SER B 150 10.89 -28.79 -2.37
C SER B 150 12.36 -29.18 -2.30
N PHE B 151 12.76 -30.34 -2.83
CA PHE B 151 14.18 -30.73 -2.89
C PHE B 151 14.95 -29.79 -3.85
N ALA B 152 14.37 -29.39 -5.00
CA ALA B 152 15.05 -28.49 -5.97
C ALA B 152 15.40 -27.18 -5.23
N ALA B 153 14.46 -26.67 -4.44
CA ALA B 153 14.67 -25.43 -3.62
C ALA B 153 15.87 -25.64 -2.69
N VAL B 154 15.81 -26.70 -1.91
CA VAL B 154 16.85 -26.88 -0.86
C VAL B 154 18.21 -27.11 -1.55
N VAL B 155 18.26 -27.85 -2.66
CA VAL B 155 19.53 -28.01 -3.43
C VAL B 155 20.04 -26.63 -3.90
N SER B 156 19.14 -25.79 -4.42
CA SER B 156 19.49 -24.47 -4.99
C SER B 156 20.11 -23.62 -3.87
N ILE B 157 19.53 -23.62 -2.68
CA ILE B 157 20.06 -22.78 -1.57
C ILE B 157 21.48 -23.28 -1.22
N GLU B 158 21.67 -24.60 -1.11
CA GLU B 158 23.03 -25.14 -0.88
C GLU B 158 23.96 -24.68 -2.00
N ALA B 159 23.53 -24.78 -3.27
CA ALA B 159 24.41 -24.49 -4.43
C ALA B 159 24.89 -23.02 -4.38
N MET B 160 24.03 -22.13 -3.89
CA MET B 160 24.24 -20.67 -3.87
C MET B 160 24.98 -20.31 -2.59
N GLY B 161 25.44 -21.30 -1.83
CA GLY B 161 26.34 -21.08 -0.67
C GLY B 161 25.61 -20.84 0.62
N GLY B 162 24.31 -21.11 0.63
CA GLY B 162 23.50 -20.99 1.85
C GLY B 162 23.59 -22.25 2.69
N PRO B 163 22.74 -22.36 3.70
CA PRO B 163 22.82 -23.48 4.61
C PRO B 163 22.46 -24.79 3.90
N GLU B 164 22.92 -25.91 4.43
CA GLU B 164 22.45 -27.24 4.00
C GLU B 164 21.16 -27.48 4.77
N ILE B 165 20.00 -27.36 4.14
CA ILE B 165 18.74 -27.44 4.89
C ILE B 165 18.27 -28.90 4.89
N PRO B 166 18.09 -29.50 6.06
CA PRO B 166 17.57 -30.88 6.09
C PRO B 166 16.25 -30.98 5.31
N TRP B 167 16.09 -32.04 4.50
CA TRP B 167 14.90 -32.23 3.66
C TRP B 167 14.38 -33.64 3.84
N ARG B 168 13.09 -33.81 3.98
CA ARG B 168 12.42 -35.13 4.18
C ARG B 168 11.51 -35.33 2.99
N TRP B 169 11.32 -36.58 2.60
CA TRP B 169 10.51 -36.96 1.42
C TRP B 169 9.16 -37.53 1.89
N GLY B 170 8.24 -37.72 0.96
CA GLY B 170 6.95 -38.35 1.25
C GLY B 170 5.76 -37.48 0.98
N ARG B 171 5.93 -36.28 0.39
CA ARG B 171 4.79 -35.39 0.07
C ARG B 171 3.97 -36.09 -1.00
N VAL B 172 2.64 -36.09 -0.84
CA VAL B 172 1.71 -36.69 -1.80
C VAL B 172 1.09 -35.59 -2.64
N ASP B 173 1.18 -35.77 -3.94
CA ASP B 173 0.66 -34.79 -4.94
C ASP B 173 -0.84 -34.69 -4.83
N ALA B 174 -1.38 -33.46 -4.83
CA ALA B 174 -2.82 -33.23 -5.14
C ALA B 174 -3.18 -33.90 -6.47
N LYS B 175 -4.45 -34.25 -6.67
CA LYS B 175 -4.89 -34.96 -7.90
C LYS B 175 -5.64 -34.03 -8.85
N ASP B 176 -6.19 -32.92 -8.35
CA ASP B 176 -7.02 -31.98 -9.13
C ASP B 176 -7.11 -30.66 -8.34
N GLY B 177 -7.68 -29.63 -8.98
CA GLY B 177 -7.77 -28.27 -8.39
C GLY B 177 -8.77 -28.16 -7.25
N SER B 178 -9.62 -29.15 -7.01
CA SER B 178 -10.68 -28.99 -6.00
C SER B 178 -10.02 -28.77 -4.62
N VAL B 179 -8.75 -29.14 -4.42
CA VAL B 179 -8.06 -29.02 -3.10
C VAL B 179 -7.44 -27.63 -2.92
N CYS B 180 -7.41 -26.84 -3.98
CA CYS B 180 -6.82 -25.47 -3.98
C CYS B 180 -7.55 -24.62 -2.93
N GLY B 181 -6.76 -23.97 -2.08
CA GLY B 181 -7.24 -22.84 -1.28
C GLY B 181 -7.50 -21.61 -2.14
N PRO B 182 -8.13 -20.61 -1.50
CA PRO B 182 -8.45 -19.35 -2.18
C PRO B 182 -7.19 -18.54 -2.48
N ASP B 183 -7.36 -17.58 -3.38
CA ASP B 183 -6.31 -16.57 -3.64
C ASP B 183 -6.22 -15.64 -2.43
N GLY B 184 -5.28 -14.70 -2.48
CA GLY B 184 -5.07 -13.76 -1.39
C GLY B 184 -4.37 -14.42 -0.24
N ARG B 185 -3.83 -15.63 -0.39
CA ARG B 185 -3.05 -16.26 0.69
C ARG B 185 -1.60 -15.80 0.64
N LEU B 186 -1.09 -15.54 -0.56
CA LEU B 186 0.31 -15.17 -0.76
C LEU B 186 0.40 -13.69 -0.41
N PRO B 187 1.52 -13.24 0.19
CA PRO B 187 1.69 -11.82 0.53
C PRO B 187 1.55 -10.83 -0.64
N ASP B 188 1.10 -9.63 -0.30
CA ASP B 188 0.95 -8.46 -1.21
C ASP B 188 2.12 -7.52 -0.98
N ALA B 189 3.03 -7.53 -1.98
CA ALA B 189 4.28 -6.76 -1.97
C ALA B 189 3.99 -5.28 -1.76
N SER B 190 2.83 -4.80 -2.16
CA SER B 190 2.52 -3.35 -2.14
C SER B 190 2.08 -2.94 -0.73
N ARG B 191 1.90 -3.89 0.19
CA ARG B 191 1.38 -3.61 1.55
C ARG B 191 2.53 -3.60 2.57
N MET B 192 2.22 -3.44 3.83
CA MET B 192 3.29 -3.10 4.80
C MET B 192 3.33 -4.10 5.94
N GLN B 193 3.78 -3.71 7.11
CA GLN B 193 4.16 -4.74 8.14
C GLN B 193 2.91 -5.41 8.75
N ASP B 194 1.75 -4.75 8.91
CA ASP B 194 0.61 -5.44 9.56
C ASP B 194 0.12 -6.54 8.59
N HIS B 195 0.16 -6.29 7.29
CA HIS B 195 -0.24 -7.35 6.32
C HIS B 195 0.78 -8.47 6.31
N VAL B 196 2.07 -8.13 6.35
CA VAL B 196 3.14 -9.18 6.44
C VAL B 196 2.84 -10.07 7.67
N ARG B 197 2.68 -9.47 8.83
CA ARG B 197 2.41 -10.20 10.08
C ARG B 197 1.10 -11.00 9.95
N ASP B 198 0.04 -10.48 9.28
N ASP B 198 0.07 -10.45 9.27
CA ASP B 198 -1.23 -11.21 9.14
CA ASP B 198 -1.25 -11.11 9.07
C ASP B 198 -0.91 -12.51 8.39
C ASP B 198 -1.06 -12.42 8.30
N VAL B 199 -0.20 -12.38 7.28
CA VAL B 199 0.03 -13.53 6.36
C VAL B 199 0.91 -14.54 7.12
N PHE B 200 2.04 -14.12 7.68
CA PHE B 200 2.97 -15.12 8.25
C PHE B 200 2.39 -15.71 9.53
N SER B 201 1.58 -14.95 10.28
CA SER B 201 0.95 -15.53 11.48
C SER B 201 -0.04 -16.60 11.01
N ARG B 202 -0.73 -16.35 9.89
CA ARG B 202 -1.70 -17.32 9.33
C ARG B 202 -0.97 -18.59 8.94
N LEU B 203 0.22 -18.46 8.35
CA LEU B 203 1.08 -19.61 8.00
C LEU B 203 1.61 -20.35 9.24
N GLY B 204 1.60 -19.73 10.42
CA GLY B 204 2.05 -20.37 11.68
C GLY B 204 3.44 -19.96 12.10
N PHE B 205 4.02 -18.90 11.50
CA PHE B 205 5.34 -18.36 11.87
C PHE B 205 5.25 -17.23 12.93
N ASN B 206 6.26 -17.17 13.80
CA ASN B 206 6.55 -16.01 14.70
C ASN B 206 7.30 -14.94 13.87
N ASP B 207 7.55 -13.77 14.46
CA ASP B 207 8.34 -12.66 13.88
C ASP B 207 9.77 -13.07 13.50
N GLU B 208 10.47 -13.85 14.33
CA GLU B 208 11.88 -14.25 14.06
C GLU B 208 11.92 -15.10 12.81
N GLU B 209 10.94 -15.99 12.65
CA GLU B 209 10.87 -16.90 11.49
C GLU B 209 10.46 -16.06 10.27
N THR B 210 9.49 -15.17 10.40
CA THR B 210 9.00 -14.33 9.26
C THR B 210 10.14 -13.53 8.67
N VAL B 211 10.90 -12.79 9.51
CA VAL B 211 12.03 -11.99 9.03
C VAL B 211 13.09 -12.91 8.39
N ALA B 212 13.34 -14.10 8.94
CA ALA B 212 14.34 -15.00 8.38
C ALA B 212 13.93 -15.36 6.94
N LEU B 213 12.69 -15.77 6.77
CA LEU B 213 12.21 -16.25 5.45
C LEU B 213 12.25 -15.12 4.43
N ILE B 214 11.88 -13.89 4.80
CA ILE B 214 11.92 -12.75 3.82
C ILE B 214 13.37 -12.53 3.36
N GLY B 215 14.33 -12.86 4.20
CA GLY B 215 15.76 -12.83 3.89
C GLY B 215 16.16 -13.65 2.67
N ALA B 216 15.29 -14.51 2.16
CA ALA B 216 15.53 -15.25 0.91
C ALA B 216 15.71 -14.28 -0.28
N HIS B 217 15.25 -13.00 -0.18
CA HIS B 217 15.46 -12.00 -1.24
C HIS B 217 16.94 -11.64 -1.36
N THR B 218 17.77 -12.14 -0.46
CA THR B 218 19.23 -12.15 -0.70
C THR B 218 19.55 -12.63 -2.11
N CYS B 219 18.74 -13.56 -2.68
CA CYS B 219 18.94 -14.09 -4.02
C CYS B 219 17.77 -13.78 -4.94
N GLY B 220 18.08 -13.74 -6.23
CA GLY B 220 17.14 -13.64 -7.35
C GLY B 220 16.75 -12.19 -7.60
N GLU B 221 15.65 -11.99 -8.29
CA GLU B 221 15.24 -10.61 -8.72
C GLU B 221 13.78 -10.57 -9.13
N CYS B 222 13.23 -9.35 -9.24
CA CYS B 222 11.85 -9.10 -9.68
C CYS B 222 11.91 -8.94 -11.20
N HIS B 223 10.87 -9.47 -11.90
CA HIS B 223 10.67 -9.34 -13.36
C HIS B 223 9.37 -8.59 -13.62
N LEU B 224 9.40 -7.55 -14.44
CA LEU B 224 8.19 -6.73 -14.81
C LEU B 224 7.11 -7.66 -15.37
N GLU B 225 7.49 -8.65 -16.17
CA GLU B 225 6.52 -9.57 -16.83
C GLU B 225 5.84 -10.51 -15.83
N ASN B 226 6.39 -10.69 -14.63
CA ASN B 226 5.80 -11.60 -13.63
C ASN B 226 5.01 -10.81 -12.59
N THR B 227 5.55 -9.73 -12.02
CA THR B 227 4.96 -9.07 -10.84
C THR B 227 4.82 -7.56 -11.05
N GLY B 228 5.25 -6.97 -12.18
CA GLY B 228 5.26 -5.48 -12.32
C GLY B 228 6.34 -4.84 -11.45
N TYR B 229 7.29 -5.61 -10.92
CA TYR B 229 8.43 -5.06 -10.17
C TYR B 229 9.71 -5.50 -10.86
N VAL B 230 10.80 -4.77 -10.63
CA VAL B 230 12.01 -4.94 -11.47
C VAL B 230 13.27 -4.79 -10.62
N GLY B 231 14.12 -5.80 -10.70
CA GLY B 231 15.54 -5.64 -10.30
C GLY B 231 15.90 -6.56 -9.13
N PRO B 232 17.19 -6.67 -8.80
CA PRO B 232 17.62 -7.48 -7.68
C PRO B 232 17.56 -6.71 -6.37
N PHE B 233 17.51 -7.44 -5.28
CA PHE B 233 17.52 -6.87 -3.91
C PHE B 233 18.95 -6.65 -3.44
N THR B 234 19.90 -7.44 -3.99
CA THR B 234 21.31 -7.45 -3.56
C THR B 234 22.19 -7.50 -4.81
N HIS B 235 23.48 -7.23 -4.62
CA HIS B 235 24.47 -7.20 -5.69
C HIS B 235 24.79 -8.66 -6.08
N ASP B 236 24.96 -9.52 -5.09
CA ASP B 236 25.40 -10.93 -5.29
C ASP B 236 24.11 -11.78 -5.33
N LYS B 237 23.32 -11.56 -6.37
CA LYS B 237 21.95 -12.14 -6.48
C LYS B 237 21.99 -13.66 -6.68
N TYR B 238 23.16 -14.30 -6.94
CA TYR B 238 23.18 -15.78 -7.00
C TYR B 238 23.88 -16.40 -5.80
N GLY B 239 24.06 -15.61 -4.75
CA GLY B 239 24.65 -15.98 -3.46
C GLY B 239 23.60 -15.96 -2.38
N PHE B 240 23.73 -16.84 -1.38
CA PHE B 240 22.71 -17.04 -0.32
C PHE B 240 23.37 -16.78 1.02
N ASP B 241 23.07 -15.60 1.56
CA ASP B 241 23.57 -15.11 2.85
C ASP B 241 22.69 -13.99 3.40
N ASN B 242 23.17 -13.31 4.46
CA ASN B 242 22.38 -12.27 5.17
C ASN B 242 22.41 -10.94 4.42
N SER B 243 22.92 -10.88 3.18
CA SER B 243 23.14 -9.59 2.44
C SER B 243 21.83 -8.81 2.19
N PHE B 244 20.67 -9.46 2.13
CA PHE B 244 19.37 -8.71 2.07
C PHE B 244 19.29 -7.70 3.22
N PHE B 245 19.61 -8.13 4.44
CA PHE B 245 19.62 -7.26 5.65
C PHE B 245 20.78 -6.26 5.63
N THR B 246 21.98 -6.65 5.27
CA THR B 246 23.11 -5.69 5.08
CA THR B 246 23.07 -5.64 5.16
C THR B 246 22.68 -4.57 4.12
N GLU B 247 22.13 -4.95 2.95
CA GLU B 247 21.67 -3.96 1.95
C GLU B 247 20.49 -3.16 2.51
N LEU B 248 19.54 -3.78 3.19
CA LEU B 248 18.34 -2.99 3.69
C LEU B 248 18.76 -1.88 4.64
N PHE B 249 19.70 -2.18 5.54
CA PHE B 249 20.19 -1.23 6.57
C PHE B 249 21.26 -0.30 5.97
N GLY B 250 21.96 -0.76 4.93
CA GLY B 250 23.15 -0.11 4.36
C GLY B 250 22.84 1.04 3.43
N ASN B 251 21.55 1.23 3.06
CA ASN B 251 21.13 2.10 1.94
C ASN B 251 20.04 3.05 2.46
N GLU B 252 19.96 4.19 1.79
CA GLU B 252 18.80 5.12 1.79
C GLU B 252 17.89 4.75 0.63
N TRP B 253 16.67 4.38 0.95
CA TRP B 253 15.70 3.89 -0.06
C TRP B 253 14.87 5.06 -0.59
N MET B 254 14.74 5.16 -1.88
N MET B 254 14.97 5.24 -1.91
CA MET B 254 14.09 6.32 -2.45
CA MET B 254 14.36 6.33 -2.71
C MET B 254 13.26 5.84 -3.62
C MET B 254 13.16 5.71 -3.43
N LEU B 255 12.17 6.54 -3.81
CA LEU B 255 11.14 6.18 -4.79
C LEU B 255 11.83 5.97 -6.14
N ASN B 256 11.52 4.85 -6.78
CA ASN B 256 11.95 4.65 -8.19
C ASN B 256 10.88 5.22 -9.09
N PRO B 257 11.10 6.35 -9.78
CA PRO B 257 10.00 6.97 -10.53
C PRO B 257 9.67 6.31 -11.88
N ASN B 258 10.43 5.28 -12.31
CA ASN B 258 10.35 4.64 -13.65
C ASN B 258 9.61 3.29 -13.58
N VAL B 259 9.03 2.97 -12.42
CA VAL B 259 8.18 1.75 -12.26
C VAL B 259 6.76 2.16 -11.87
N LYS B 260 5.75 1.64 -12.59
CA LYS B 260 4.31 1.96 -12.34
C LYS B 260 3.87 1.41 -10.97
N LYS B 261 4.25 0.17 -10.65
CA LYS B 261 4.08 -0.33 -9.27
C LYS B 261 5.09 0.34 -8.34
N MET B 262 4.68 0.67 -7.12
CA MET B 262 5.56 1.47 -6.24
C MET B 262 6.70 0.58 -5.69
N GLN B 263 7.93 0.97 -5.99
CA GLN B 263 9.11 0.28 -5.38
C GLN B 263 10.20 1.30 -5.08
N PHE B 264 11.17 0.84 -4.31
CA PHE B 264 12.34 1.64 -3.86
C PHE B 264 13.58 1.26 -4.68
N MET B 265 14.49 2.21 -4.79
CA MET B 265 15.89 1.96 -5.26
C MET B 265 16.89 2.52 -4.24
N ASP B 266 18.12 1.97 -4.19
CA ASP B 266 19.15 2.52 -3.28
C ASP B 266 19.65 3.85 -3.87
N LYS B 267 19.92 4.81 -3.00
CA LYS B 267 20.49 6.12 -3.40
C LYS B 267 21.86 5.90 -4.06
N THR B 268 22.69 5.07 -3.47
CA THR B 268 24.11 4.90 -3.87
C THR B 268 24.25 4.49 -5.33
N THR B 269 23.56 3.44 -5.80
CA THR B 269 23.75 2.93 -7.20
C THR B 269 22.49 3.01 -8.07
N ASN B 270 21.30 3.04 -7.47
CA ASN B 270 19.99 2.82 -8.13
C ASN B 270 19.89 1.39 -8.71
N ARG B 271 20.81 0.50 -8.38
CA ARG B 271 20.88 -0.86 -9.01
C ARG B 271 20.00 -1.83 -8.24
N LEU B 272 19.79 -1.57 -6.96
CA LEU B 272 19.06 -2.50 -6.10
C LEU B 272 17.64 -1.96 -5.91
N MET B 273 16.74 -2.83 -5.48
CA MET B 273 15.33 -2.46 -5.20
C MET B 273 14.85 -3.09 -3.88
N MET B 274 13.85 -2.46 -3.30
CA MET B 274 13.10 -3.04 -2.19
C MET B 274 11.61 -2.83 -2.51
N LEU B 275 10.79 -3.79 -2.09
CA LEU B 275 9.32 -3.74 -2.20
C LEU B 275 8.83 -2.94 -1.00
N PRO B 276 7.64 -2.32 -1.03
CA PRO B 276 7.07 -1.78 0.19
C PRO B 276 7.05 -2.78 1.35
N ALA B 277 6.64 -4.05 1.10
CA ALA B 277 6.58 -5.05 2.20
C ALA B 277 7.97 -5.20 2.81
N ASP B 278 9.04 -5.17 1.98
CA ASP B 278 10.46 -5.29 2.48
C ASP B 278 10.90 -4.10 3.36
N VAL B 279 10.70 -2.88 2.92
CA VAL B 279 11.07 -1.68 3.74
C VAL B 279 10.22 -1.61 4.99
N SER B 280 9.06 -2.25 5.00
CA SER B 280 8.17 -2.35 6.20
C SER B 280 8.92 -3.00 7.38
N ILE B 281 9.90 -3.84 7.08
CA ILE B 281 10.81 -4.48 8.08
C ILE B 281 11.50 -3.35 8.85
N LEU B 282 11.89 -2.26 8.19
CA LEU B 282 12.55 -1.14 8.91
C LEU B 282 11.56 -0.35 9.76
N LEU B 283 10.31 -0.24 9.31
CA LEU B 283 9.30 0.64 9.96
C LEU B 283 8.68 -0.04 11.18
N ASP B 284 8.74 -1.36 11.27
CA ASP B 284 8.17 -2.13 12.39
C ASP B 284 9.29 -2.32 13.39
N ASP B 285 9.11 -1.89 14.64
CA ASP B 285 10.22 -1.92 15.63
C ASP B 285 10.61 -3.39 15.94
N LYS B 286 9.64 -4.29 16.02
CA LYS B 286 9.93 -5.72 16.32
C LYS B 286 10.68 -6.37 15.15
N TYR B 287 10.19 -6.16 13.94
CA TYR B 287 10.89 -6.74 12.76
C TYR B 287 12.28 -6.11 12.64
N ARG B 288 12.39 -4.80 12.83
CA ARG B 288 13.71 -4.13 12.65
C ARG B 288 14.78 -4.71 13.59
N SER B 289 14.41 -4.98 14.83
CA SER B 289 15.31 -5.49 15.90
C SER B 289 15.85 -6.87 15.50
N ILE B 290 14.95 -7.71 14.99
CA ILE B 290 15.27 -9.10 14.52
C ILE B 290 16.19 -8.96 13.31
N ALA B 291 15.76 -8.16 12.32
CA ALA B 291 16.54 -7.91 11.10
C ALA B 291 17.96 -7.46 11.39
N LYS B 292 18.17 -6.55 12.34
CA LYS B 292 19.53 -6.00 12.61
C LYS B 292 20.37 -7.18 13.10
N LYS B 293 19.79 -8.09 13.87
CA LYS B 293 20.56 -9.26 14.37
C LYS B 293 20.98 -10.14 13.18
N TYR B 294 20.10 -10.30 12.20
CA TYR B 294 20.48 -11.12 11.02
C TYR B 294 21.55 -10.36 10.22
N ALA B 295 21.47 -9.04 10.16
CA ALA B 295 22.49 -8.27 9.42
C ALA B 295 23.86 -8.41 10.10
N ASP B 296 23.87 -8.54 11.42
CA ASP B 296 25.10 -8.55 12.25
C ASP B 296 25.73 -9.95 12.26
N ASP B 297 24.96 -11.02 12.06
CA ASP B 297 25.54 -12.37 12.24
C ASP B 297 24.97 -13.31 11.17
N ASN B 298 25.72 -13.56 10.11
CA ASN B 298 25.28 -14.40 9.00
C ASN B 298 24.95 -15.82 9.49
N ASP B 299 25.80 -16.44 10.32
CA ASP B 299 25.57 -17.84 10.76
C ASP B 299 24.24 -17.89 11.50
N TYR B 300 23.93 -16.86 12.27
CA TYR B 300 22.69 -16.78 13.07
C TYR B 300 21.51 -16.72 12.08
N PHE B 301 21.60 -15.87 11.08
CA PHE B 301 20.58 -15.78 9.99
C PHE B 301 20.42 -17.14 9.26
N CYS B 302 21.52 -17.72 8.81
CA CYS B 302 21.49 -18.98 8.00
C CYS B 302 20.83 -20.11 8.80
N ASN B 303 21.06 -20.21 10.11
N ASN B 303 21.12 -20.22 10.09
CA ASN B 303 20.47 -21.30 10.93
CA ASN B 303 20.49 -21.28 10.92
C ASN B 303 18.98 -21.03 11.14
C ASN B 303 18.98 -21.00 10.94
N ALA B 304 18.62 -19.75 11.26
CA ALA B 304 17.21 -19.34 11.49
C ALA B 304 16.46 -19.65 10.20
N PHE B 305 17.12 -19.35 9.11
CA PHE B 305 16.51 -19.49 7.78
C PHE B 305 16.27 -20.99 7.55
N SER B 306 17.28 -21.81 7.85
CA SER B 306 17.21 -23.28 7.64
C SER B 306 15.99 -23.83 8.36
N LYS B 307 15.85 -23.52 9.65
CA LYS B 307 14.81 -24.12 10.49
C LYS B 307 13.45 -23.68 9.95
N ALA B 308 13.34 -22.40 9.62
CA ALA B 308 12.11 -21.73 9.14
C ALA B 308 11.68 -22.31 7.79
N TYR B 309 12.61 -22.44 6.84
CA TYR B 309 12.31 -22.93 5.48
C TYR B 309 12.00 -24.45 5.52
N GLN B 310 12.74 -25.24 6.30
CA GLN B 310 12.30 -26.65 6.53
C GLN B 310 10.87 -26.69 7.02
N LYS B 311 10.53 -25.86 8.03
CA LYS B 311 9.18 -25.78 8.60
C LYS B 311 8.18 -25.40 7.50
N LEU B 312 8.48 -24.35 6.75
CA LEU B 312 7.68 -23.95 5.55
C LEU B 312 7.36 -25.15 4.66
N LEU B 313 8.36 -25.86 4.14
CA LEU B 313 8.16 -26.99 3.20
C LEU B 313 7.59 -28.23 3.89
N GLU B 314 7.25 -28.17 5.18
CA GLU B 314 6.60 -29.28 5.93
C GLU B 314 5.20 -28.91 6.40
N VAL B 315 4.76 -27.66 6.29
CA VAL B 315 3.42 -27.34 6.84
C VAL B 315 2.38 -28.22 6.09
N GLY B 316 1.34 -28.61 6.81
CA GLY B 316 0.20 -29.46 6.38
C GLY B 316 0.60 -30.81 5.76
N THR B 317 1.73 -31.39 6.15
CA THR B 317 2.22 -32.69 5.64
C THR B 317 2.18 -33.66 6.81
N THR B 318 2.20 -34.94 6.50
CA THR B 318 2.32 -36.03 7.50
C THR B 318 3.25 -37.13 6.95
N ASP B 319 3.81 -37.94 7.83
CA ASP B 319 4.57 -39.18 7.51
C ASP B 319 5.70 -38.89 6.52
N LEU B 320 6.43 -37.81 6.74
CA LEU B 320 7.63 -37.59 5.92
C LEU B 320 8.77 -38.46 6.47
N LYS B 321 9.71 -38.80 5.61
CA LYS B 321 10.86 -39.70 5.89
C LYS B 321 12.16 -38.90 5.76
N SER B 322 13.06 -39.08 6.73
CA SER B 322 14.49 -38.64 6.65
C SER B 322 15.33 -39.46 5.65
N LEU B 323 16.29 -38.79 5.02
CA LEU B 323 17.26 -39.37 4.09
C LEU B 323 18.24 -40.19 4.93
N PRO B 324 18.65 -41.40 4.46
CA PRO B 324 19.79 -42.09 5.06
C PRO B 324 21.01 -41.15 5.03
N ALA B 325 21.87 -41.16 6.05
CA ALA B 325 23.21 -40.51 6.01
C ALA B 325 23.90 -41.05 4.76
N GLU B 326 24.54 -40.21 3.94
CA GLU B 326 25.21 -40.63 2.68
C GLU B 326 24.23 -40.55 1.48
N SER B 327 22.92 -40.49 1.71
CA SER B 327 21.88 -40.55 0.62
C SER B 327 20.62 -39.85 1.11
CHA HEM C . -4.63 16.09 5.13
CHB HEM C . -4.95 11.77 2.87
CHC HEM C . -7.32 13.82 -0.71
CHD HEM C . -7.32 17.94 1.77
C1A HEM C . -4.56 14.73 4.83
C2A HEM C . -4.02 13.77 5.72
C3A HEM C . -4.05 12.56 5.09
C4A HEM C . -4.73 12.76 3.89
CMA HEM C . -3.66 11.16 5.49
CAA HEM C . -3.44 14.05 7.04
CBA HEM C . -4.61 14.26 8.02
CGA HEM C . -4.09 14.46 9.48
O1A HEM C . -3.22 13.74 10.04
O2A HEM C . -4.43 15.42 10.20
C1B HEM C . -5.61 11.96 1.67
C2B HEM C . -5.71 10.97 0.60
C3B HEM C . -6.26 11.63 -0.43
C4B HEM C . -6.57 12.95 0.02
CMB HEM C . -5.15 9.55 0.71
CAB HEM C . -6.66 11.11 -1.77
CBB HEM C . -5.73 10.29 -2.29
C1C HEM C . -7.73 15.05 -0.35
C2C HEM C . -8.66 15.88 -0.91
C3C HEM C . -8.62 17.09 -0.22
C4C HEM C . -7.73 16.94 0.91
CMC HEM C . -9.50 15.55 -2.01
CAC HEM C . -9.55 18.27 -0.48
CBC HEM C . -10.14 18.59 -1.62
C1D HEM C . -6.55 17.76 2.88
C2D HEM C . -6.16 18.93 3.71
C3D HEM C . -5.35 18.37 4.62
C4D HEM C . -5.29 16.93 4.28
CMD HEM C . -6.54 20.38 3.51
CAD HEM C . -4.68 19.00 5.80
CBD HEM C . -5.50 19.01 7.09
CGD HEM C . -4.90 19.87 8.16
O1D HEM C . -5.46 19.73 9.29
O2D HEM C . -3.80 20.56 8.03
NA HEM C . -4.96 14.10 3.72
NB HEM C . -6.13 13.12 1.22
NC HEM C . -7.23 15.69 0.77
ND HEM C . -6.06 16.60 3.22
FE HEM C . -6.10 14.91 2.27
S SO4 D . -3.89 -0.16 -5.14
O1 SO4 D . -5.27 -0.66 -5.32
O2 SO4 D . -2.92 -1.03 -5.84
O3 SO4 D . -3.56 -0.10 -3.76
O4 SO4 D . -3.79 1.18 -5.72
S SO4 E . -10.46 -2.93 -2.71
O1 SO4 E . -9.63 -2.41 -3.78
O2 SO4 E . -11.74 -3.28 -3.25
O3 SO4 E . -10.58 -1.94 -1.69
O4 SO4 E . -9.83 -4.10 -2.15
C1 GOL F . -10.54 13.56 -17.27
O1 GOL F . -9.52 14.53 -17.12
C2 GOL F . -10.08 12.34 -18.04
O2 GOL F . -8.82 12.60 -18.65
C3 GOL F . -9.97 11.10 -17.18
O3 GOL F . -11.21 10.53 -16.78
C1 GOL G . -3.60 6.35 13.25
O1 GOL G . -2.30 5.83 13.50
C2 GOL G . -4.27 6.87 14.51
O2 GOL G . -4.78 5.77 15.26
C3 GOL G . -3.36 7.70 15.40
O3 GOL G . -1.98 7.46 15.14
C1 GOL H . -29.60 17.64 0.54
O1 GOL H . -29.35 18.87 -0.13
C2 GOL H . -28.39 17.23 1.35
O2 GOL H . -27.87 18.33 2.08
C3 GOL H . -28.66 16.09 2.32
O3 GOL H . -29.23 16.57 3.54
NA NA I . 1.21 25.88 -0.42
NA NA J . -21.20 12.37 5.09
CHA HEM K . 10.89 -12.82 -5.57
CHB HEM K . 7.49 -10.70 -3.07
CHC HEM K . 8.58 -13.49 0.73
CHD HEM K . 11.67 -15.94 -1.99
C1A HEM K . 9.82 -12.03 -5.24
C2A HEM K . 9.11 -11.15 -6.11
C3A HEM K . 8.16 -10.54 -5.38
C4A HEM K . 8.26 -11.10 -4.11
CMA HEM K . 7.15 -9.47 -5.80
CAA HEM K . 9.42 -10.91 -7.60
CBA HEM K . 8.99 -12.11 -8.41
CGA HEM K . 9.11 -11.95 -9.91
O1A HEM K . 8.85 -10.86 -10.43
O2A HEM K . 9.60 -12.85 -10.58
C1B HEM K . 7.60 -11.20 -1.75
C2B HEM K . 6.83 -10.69 -0.60
C3B HEM K . 7.05 -11.51 0.43
C4B HEM K . 8.10 -12.43 -0.08
CMB HEM K . 5.87 -9.59 -0.73
CAB HEM K . 6.74 -11.45 1.91
CBB HEM K . 6.60 -10.30 2.39
C1C HEM K . 9.43 -14.50 0.26
C2C HEM K . 9.78 -15.64 0.94
C3C HEM K . 10.57 -16.33 0.12
C4C HEM K . 10.82 -15.52 -1.02
CMC HEM K . 9.23 -16.00 2.25
CAC HEM K . 11.33 -17.52 0.31
CBC HEM K . 11.53 -18.07 1.46
C1D HEM K . 11.82 -15.19 -3.17
C2D HEM K . 12.80 -15.47 -4.23
C3D HEM K . 12.54 -14.56 -5.26
C4D HEM K . 11.44 -13.83 -4.76
CMD HEM K . 13.84 -16.50 -4.19
CAD HEM K . 13.29 -14.37 -6.60
CBD HEM K . 12.70 -15.22 -7.76
CGD HEM K . 13.52 -15.14 -9.03
O1D HEM K . 14.70 -14.66 -9.10
O2D HEM K . 12.98 -15.71 -10.01
NA HEM K . 9.25 -12.03 -4.04
NB HEM K . 8.33 -12.21 -1.40
NC HEM K . 9.95 -14.53 -0.96
ND HEM K . 11.03 -14.18 -3.52
FE HEM K . 9.66 -13.24 -2.54
S SO4 L . -1.09 -3.03 5.66
O1 SO4 L . -1.11 -2.92 4.22
O2 SO4 L . 0.14 -3.54 6.17
O3 SO4 L . -1.32 -1.70 6.24
O4 SO4 L . -2.19 -3.91 6.04
S SO4 M . -7.24 -7.48 4.75
O1 SO4 M . -6.42 -8.05 3.72
O2 SO4 M . -8.23 -8.44 5.13
O3 SO4 M . -6.41 -7.15 5.88
O4 SO4 M . -7.89 -6.30 4.26
S SO4 N . 25.72 -7.57 -1.75
O1 SO4 N . 26.91 -7.04 -2.37
O2 SO4 N . 25.39 -8.87 -2.33
O3 SO4 N . 24.66 -6.70 -2.00
O4 SO4 N . 25.96 -7.73 -0.34
O1 OXY O . 7.45 -14.95 -4.03
O2 OXY O . 8.24 -14.45 -3.24
C ACT P . 0.00 -25.35 -15.55
O ACT P . 1.02 -24.63 -15.67
OXT ACT P . -0.18 -26.14 -14.61
CH3 ACT P . -1.07 -25.27 -16.63
C1 GOL Q . -1.50 -12.83 -5.14
O1 GOL Q . -2.18 -13.97 -5.69
C2 GOL Q . -2.09 -12.23 -3.87
O2 GOL Q . -2.41 -13.24 -2.91
C3 GOL Q . -1.21 -11.21 -3.15
O3 GOL Q . -0.73 -10.17 -4.02
C1 GOL R . 21.16 -30.19 -0.56
O1 GOL R . 21.78 -30.68 -1.74
C2 GOL R . 20.24 -31.23 0.05
O2 GOL R . 21.05 -32.26 0.58
C3 GOL R . 19.31 -30.70 1.12
O3 GOL R . 19.67 -31.06 2.45
NA NA S . 23.13 -12.27 -1.74
NA NA T . -0.45 -25.21 -2.53
#